data_5H6L
#
_entry.id   5H6L
#
_cell.length_a   134.744
_cell.length_b   134.744
_cell.length_c   73.388
_cell.angle_alpha   90.00
_cell.angle_beta   90.00
_cell.angle_gamma   120.00
#
_symmetry.space_group_name_H-M   'P 32 2 1'
#
loop_
_entity.id
_entity.type
_entity.pdbx_description
1 polymer Pierisin-1
2 non-polymer NICOTINAMIDE-ADENINE-DINUCLEOTIDE
3 non-polymer 1,2-ETHANEDIOL
4 water water
#
_entity_poly.entity_id   1
_entity_poly.type   'polypeptide(L)'
_entity_poly.pdbx_seq_one_letter_code
;GSGMKETAAAKFERQHMDSPDLGTDDDDKAMADIGSEFMADRQPYMTNGIQAAVVEWIRALDLEIISLLLSRAWPMALLA
TSELRWRPTVLTDTDNVVRLDRRQRLVRWDRRPPNEIFLDGFVPIVTRENPDWEETDLYGFAKNNHPSIFVSTTKTQRNK
KKYVWTPRNANRGIVYQYEIYAPGGVDVNDSFSDASPWPNQMQVAFPGGIQNIYIRSARELHNGRIQRIWINPNFLDPGD
LEPIVSSSRTPQVIWRMNHPDGGHRDQRSER
;
_entity_poly.pdbx_strand_id   A,B
#
# COMPACT_ATOMS: atom_id res chain seq x y z
N TYR A 45 4.51 2.48 10.49
CA TYR A 45 3.84 1.36 11.22
C TYR A 45 2.33 1.45 11.11
N MET A 46 1.65 0.32 11.34
CA MET A 46 0.19 0.26 11.32
C MET A 46 -0.38 0.58 12.70
N THR A 47 -1.52 1.28 12.72
CA THR A 47 -2.20 1.66 13.95
C THR A 47 -3.72 1.70 13.74
N ASN A 48 -4.47 1.30 14.77
CA ASN A 48 -5.93 1.41 14.76
C ASN A 48 -6.43 2.85 14.94
N GLY A 49 -5.56 3.73 15.44
CA GLY A 49 -5.80 5.17 15.42
C GLY A 49 -6.91 5.63 16.36
N ILE A 50 -8.08 5.90 15.78
CA ILE A 50 -9.24 6.42 16.53
C ILE A 50 -10.43 5.44 16.46
N GLN A 51 -10.12 4.14 16.53
CA GLN A 51 -11.13 3.08 16.49
C GLN A 51 -12.01 3.06 17.74
N ALA A 52 -11.44 3.46 18.88
CA ALA A 52 -12.18 3.52 20.14
C ALA A 52 -13.07 4.77 20.32
N ALA A 53 -12.99 5.74 19.40
CA ALA A 53 -13.70 7.01 19.55
C ALA A 53 -15.23 6.87 19.50
N VAL A 54 -15.90 7.56 20.42
CA VAL A 54 -17.39 7.62 20.48
C VAL A 54 -17.96 8.86 19.77
N VAL A 55 -17.17 9.93 19.67
CA VAL A 55 -17.60 11.15 18.99
C VAL A 55 -17.58 10.90 17.48
N GLU A 56 -18.67 11.24 16.81
CA GLU A 56 -18.90 10.85 15.42
C GLU A 56 -18.03 11.59 14.40
N TRP A 57 -17.84 12.90 14.58
CA TRP A 57 -17.04 13.69 13.63
C TRP A 57 -15.55 13.37 13.68
N ILE A 58 -15.04 13.01 14.86
CA ILE A 58 -13.66 12.51 15.00
C ILE A 58 -13.53 11.11 14.40
N ARG A 59 -14.55 10.27 14.61
CA ARG A 59 -14.59 8.92 14.04
C ARG A 59 -14.60 8.91 12.50
N ALA A 60 -15.28 9.88 11.89
CA ALA A 60 -15.40 9.96 10.44
C ALA A 60 -14.12 10.43 9.72
N LEU A 61 -13.36 11.30 10.36
CA LEU A 61 -12.16 11.91 9.74
C LEU A 61 -11.03 10.92 9.49
N ASP A 62 -10.16 11.28 8.55
CA ASP A 62 -8.94 10.52 8.25
C ASP A 62 -7.92 10.74 9.37
N LEU A 63 -7.04 9.76 9.57
CA LEU A 63 -6.05 9.80 10.65
C LEU A 63 -5.04 10.95 10.50
N GLU A 64 -4.73 11.32 9.25
CA GLU A 64 -3.85 12.47 8.97
C GLU A 64 -4.44 13.81 9.43
N ILE A 65 -5.77 13.94 9.34
CA ILE A 65 -6.47 15.16 9.78
C ILE A 65 -6.50 15.22 11.31
N ILE A 66 -6.78 14.10 11.96
CA ILE A 66 -6.77 14.02 13.43
C ILE A 66 -5.34 14.21 13.95
N SER A 67 -4.36 13.64 13.25
CA SER A 67 -2.94 13.82 13.59
C SER A 67 -2.50 15.29 13.51
N LEU A 68 -3.03 16.02 12.54
CA LEU A 68 -2.76 17.45 12.39
C LEU A 68 -3.31 18.25 13.57
N LEU A 69 -4.55 17.97 13.96
CA LEU A 69 -5.19 18.67 15.09
C LEU A 69 -4.43 18.47 16.41
N LEU A 70 -3.88 17.28 16.60
CA LEU A 70 -3.06 16.96 17.78
C LEU A 70 -1.68 17.67 17.78
N SER A 71 -1.09 17.87 16.60
CA SER A 71 0.28 18.40 16.47
C SER A 71 0.41 19.84 15.94
N ARG A 72 -0.67 20.44 15.45
CA ARG A 72 -0.63 21.79 14.83
C ARG A 72 -0.09 22.92 15.73
N ALA A 73 -0.31 22.81 17.05
CA ALA A 73 0.13 23.82 18.02
C ALA A 73 1.52 23.57 18.64
N TRP A 74 2.23 22.52 18.20
CA TRP A 74 3.54 22.18 18.75
C TRP A 74 4.60 23.19 18.31
N PRO A 75 5.40 23.74 19.26
CA PRO A 75 6.53 24.62 18.89
C PRO A 75 7.59 23.96 18.01
N MET A 76 8.42 24.79 17.37
CA MET A 76 9.49 24.31 16.48
C MET A 76 10.52 23.46 17.22
N ALA A 77 10.86 23.85 18.45
CA ALA A 77 11.76 23.08 19.31
C ALA A 77 11.20 21.71 19.65
N LEU A 78 9.90 21.64 19.88
CA LEU A 78 9.21 20.36 20.14
C LEU A 78 9.09 19.51 18.87
N LEU A 79 8.70 20.15 17.75
CA LEU A 79 8.59 19.47 16.45
C LEU A 79 9.90 18.86 15.94
N ALA A 80 11.03 19.46 16.30
CA ALA A 80 12.36 18.95 15.93
C ALA A 80 12.66 17.60 16.58
N THR A 81 12.33 17.46 17.87
CA THR A 81 12.61 16.26 18.66
C THR A 81 11.46 15.25 18.70
N SER A 82 10.21 15.74 18.70
CA SER A 82 9.03 14.89 18.92
C SER A 82 8.34 14.47 17.62
N GLU A 83 7.63 13.34 17.70
CA GLU A 83 6.77 12.83 16.62
C GLU A 83 5.46 12.36 17.26
N LEU A 84 4.36 12.42 16.51
CA LEU A 84 3.07 11.96 17.02
C LEU A 84 3.00 10.43 16.96
N ARG A 85 3.27 9.79 18.10
CA ARG A 85 3.34 8.34 18.18
C ARG A 85 2.00 7.74 18.62
N TRP A 86 1.22 7.30 17.64
CA TRP A 86 0.03 6.48 17.90
C TRP A 86 0.49 5.12 18.37
N ARG A 87 -0.26 4.49 19.27
CA ARG A 87 0.03 3.12 19.70
C ARG A 87 -0.08 2.20 18.48
N PRO A 88 1.00 1.45 18.14
CA PRO A 88 0.86 0.52 17.02
C PRO A 88 -0.01 -0.69 17.36
N THR A 89 -0.45 -1.42 16.34
CA THR A 89 -1.27 -2.63 16.53
C THR A 89 -0.55 -3.71 17.35
N VAL A 90 0.78 -3.78 17.19
CA VAL A 90 1.64 -4.62 18.03
C VAL A 90 2.65 -3.69 18.70
N LEU A 91 2.65 -3.68 20.03
CA LEU A 91 3.47 -2.76 20.84
C LEU A 91 4.32 -3.48 21.87
N THR A 92 5.33 -2.79 22.38
CA THR A 92 6.15 -3.27 23.50
C THR A 92 5.56 -2.72 24.80
N ASP A 93 5.14 -3.61 25.68
CA ASP A 93 4.44 -3.23 26.92
C ASP A 93 5.43 -2.78 28.01
N THR A 94 4.90 -2.37 29.16
CA THR A 94 5.72 -1.84 30.27
C THR A 94 6.68 -2.86 30.90
N ASP A 95 6.39 -4.16 30.76
CA ASP A 95 7.30 -5.22 31.20
C ASP A 95 8.22 -5.76 30.08
N ASN A 96 8.37 -4.98 29.00
CA ASN A 96 9.19 -5.36 27.83
C ASN A 96 8.76 -6.66 27.12
N VAL A 97 7.45 -6.96 27.18
CA VAL A 97 6.86 -8.09 26.47
C VAL A 97 6.02 -7.53 25.33
N VAL A 98 6.21 -8.08 24.13
CA VAL A 98 5.50 -7.62 22.94
C VAL A 98 4.07 -8.16 22.97
N ARG A 99 3.09 -7.24 22.95
CA ARG A 99 1.66 -7.60 22.95
C ARG A 99 0.90 -6.79 21.93
N LEU A 100 -0.33 -7.22 21.63
CA LEU A 100 -1.25 -6.46 20.79
C LEU A 100 -1.74 -5.24 21.59
N ASP A 101 -2.14 -4.20 20.86
CA ASP A 101 -2.66 -2.96 21.49
C ASP A 101 -3.85 -3.20 22.44
N ARG A 102 -4.72 -4.12 22.06
CA ARG A 102 -5.90 -4.46 22.87
C ARG A 102 -5.59 -5.30 24.12
N ARG A 103 -4.38 -5.85 24.22
CA ARG A 103 -3.95 -6.60 25.41
C ARG A 103 -3.10 -5.78 26.40
N GLN A 104 -2.84 -4.50 26.09
CA GLN A 104 -2.22 -3.60 27.04
C GLN A 104 -3.27 -3.13 28.04
N ARG A 105 -3.12 -3.52 29.30
CA ARG A 105 -4.08 -3.16 30.36
C ARG A 105 -3.95 -1.68 30.72
N LEU A 106 -4.93 -0.88 30.31
CA LEU A 106 -5.00 0.53 30.65
C LEU A 106 -6.00 0.75 31.78
N VAL A 107 -5.84 1.86 32.49
CA VAL A 107 -6.69 2.22 33.62
C VAL A 107 -7.11 3.69 33.50
N ARG A 108 -8.35 3.99 33.89
CA ARG A 108 -8.82 5.37 34.06
C ARG A 108 -9.51 5.53 35.40
N TRP A 109 -8.98 6.43 36.23
CA TRP A 109 -9.62 6.86 37.46
C TRP A 109 -10.73 7.84 37.12
N ASP A 110 -11.91 7.63 37.71
CA ASP A 110 -13.08 8.49 37.45
C ASP A 110 -14.08 8.39 38.60
N ARG A 111 -14.77 9.50 38.89
CA ARG A 111 -15.78 9.55 39.96
C ARG A 111 -17.20 9.24 39.47
N ARG A 112 -17.42 9.24 38.17
CA ARG A 112 -18.73 8.89 37.59
C ARG A 112 -18.99 7.39 37.69
N PRO A 113 -20.25 6.98 37.97
CA PRO A 113 -20.56 5.57 38.23
C PRO A 113 -20.78 4.73 36.96
N PRO A 114 -20.86 3.38 37.12
CA PRO A 114 -21.08 2.45 35.98
C PRO A 114 -22.30 2.72 35.10
N ASN A 115 -23.40 3.21 35.70
CA ASN A 115 -24.61 3.54 34.93
C ASN A 115 -24.40 4.62 33.86
N GLU A 116 -23.45 5.53 34.11
CA GLU A 116 -23.00 6.48 33.08
C GLU A 116 -21.97 5.82 32.14
N ILE A 117 -20.93 5.25 32.73
CA ILE A 117 -19.72 4.87 31.98
C ILE A 117 -19.91 3.63 31.09
N PHE A 118 -20.53 2.58 31.61
CA PHE A 118 -20.81 1.37 30.80
C PHE A 118 -21.93 1.58 29.77
N LEU A 119 -22.78 2.59 30.00
CA LEU A 119 -23.84 2.94 29.04
C LEU A 119 -23.28 3.74 27.86
N ASP A 120 -22.64 4.87 28.17
CA ASP A 120 -22.16 5.82 27.16
C ASP A 120 -20.71 5.59 26.70
N GLY A 121 -19.93 4.83 27.50
CA GLY A 121 -18.47 4.78 27.32
C GLY A 121 -17.85 5.97 28.01
N PHE A 122 -16.65 6.34 27.57
CA PHE A 122 -15.99 7.56 28.03
C PHE A 122 -16.09 8.64 26.96
N VAL A 123 -17.01 9.59 27.17
CA VAL A 123 -17.20 10.71 26.24
C VAL A 123 -16.32 11.87 26.73
N PRO A 124 -15.56 12.53 25.82
CA PRO A 124 -14.76 13.68 26.26
C PRO A 124 -15.61 14.91 26.58
N ILE A 125 -15.02 15.87 27.29
CA ILE A 125 -15.73 17.10 27.70
C ILE A 125 -16.07 17.96 26.49
N VAL A 126 -15.12 18.12 25.57
CA VAL A 126 -15.33 18.85 24.32
C VAL A 126 -15.72 17.86 23.21
N THR A 127 -16.98 17.93 22.78
CA THR A 127 -17.51 17.11 21.69
C THR A 127 -17.90 17.89 20.41
N ARG A 128 -17.89 19.22 20.47
CA ARG A 128 -18.34 20.06 19.34
C ARG A 128 -17.41 19.99 18.13
N GLU A 129 -17.98 20.25 16.96
CA GLU A 129 -17.30 20.02 15.67
C GLU A 129 -16.21 21.04 15.31
N ASN A 130 -16.24 22.23 15.93
CA ASN A 130 -15.25 23.28 15.68
C ASN A 130 -14.58 23.71 16.99
N PRO A 131 -13.75 22.83 17.58
CA PRO A 131 -13.07 23.16 18.84
C PRO A 131 -11.91 24.13 18.66
N ASP A 132 -11.49 24.75 19.76
CA ASP A 132 -10.32 25.63 19.76
C ASP A 132 -9.04 24.82 19.68
N TRP A 133 -7.94 25.49 19.32
CA TRP A 133 -6.63 24.84 19.22
C TRP A 133 -6.10 24.34 20.57
N GLU A 134 -6.48 25.00 21.66
CA GLU A 134 -6.14 24.54 23.01
C GLU A 134 -6.81 23.21 23.36
N GLU A 135 -8.04 23.03 22.86
CA GLU A 135 -8.85 21.84 23.13
C GLU A 135 -8.42 20.60 22.34
N THR A 136 -7.72 20.78 21.23
CA THR A 136 -7.23 19.67 20.39
C THR A 136 -5.74 19.35 20.56
N ASP A 137 -4.99 20.21 21.25
CA ASP A 137 -3.53 20.05 21.35
C ASP A 137 -3.15 18.96 22.35
N LEU A 138 -2.29 18.03 21.92
CA LEU A 138 -1.82 16.93 22.77
C LEU A 138 -0.83 17.38 23.84
N TYR A 139 0.05 18.31 23.49
CA TYR A 139 1.08 18.81 24.41
C TYR A 139 0.45 19.59 25.58
N GLY A 140 -0.49 20.47 25.28
CA GLY A 140 -1.26 21.20 26.29
C GLY A 140 -2.16 20.30 27.12
N PHE A 141 -2.74 19.29 26.47
CA PHE A 141 -3.48 18.22 27.17
C PHE A 141 -2.59 17.49 28.17
N ALA A 142 -1.39 17.13 27.73
CA ALA A 142 -0.41 16.45 28.60
C ALA A 142 0.10 17.35 29.72
N LYS A 143 0.41 18.61 29.39
CA LYS A 143 1.01 19.55 30.35
C LYS A 143 0.00 20.06 31.37
N ASN A 144 -1.11 20.62 30.89
CA ASN A 144 -2.12 21.27 31.74
C ASN A 144 -3.38 20.42 31.97
N ASN A 145 -3.92 19.87 30.90
CA ASN A 145 -5.24 19.23 30.88
C ASN A 145 -6.37 20.19 31.27
N HIS A 146 -6.63 21.16 30.40
CA HIS A 146 -7.87 21.93 30.41
C HIS A 146 -8.88 21.13 29.57
N PRO A 147 -10.20 21.42 29.71
CA PRO A 147 -11.22 20.67 28.96
C PRO A 147 -10.87 20.48 27.48
N SER A 148 -10.88 19.22 27.03
CA SER A 148 -10.35 18.84 25.73
C SER A 148 -11.15 17.71 25.07
N ILE A 149 -10.78 17.39 23.83
CA ILE A 149 -11.35 16.24 23.09
C ILE A 149 -10.81 14.87 23.54
N PHE A 150 -9.78 14.86 24.39
CA PHE A 150 -9.10 13.62 24.81
C PHE A 150 -9.74 13.01 26.07
N VAL A 151 -9.66 11.69 26.17
CA VAL A 151 -9.93 10.97 27.42
C VAL A 151 -8.59 10.37 27.88
N SER A 152 -8.17 10.73 29.08
CA SER A 152 -6.89 10.30 29.63
C SER A 152 -7.00 8.91 30.28
N THR A 153 -6.00 8.07 30.02
CA THR A 153 -5.83 6.78 30.71
C THR A 153 -4.37 6.62 31.11
N THR A 154 -4.08 5.59 31.89
CA THR A 154 -2.70 5.28 32.32
C THR A 154 -2.41 3.78 32.16
N LYS A 155 -1.17 3.47 31.78
CA LYS A 155 -0.75 2.08 31.55
C LYS A 155 -0.54 1.33 32.86
N THR A 156 -0.84 0.04 32.85
CA THR A 156 -0.53 -0.84 33.97
C THR A 156 0.97 -1.17 33.92
N GLN A 157 1.69 -0.73 34.95
CA GLN A 157 3.14 -1.00 35.05
C GLN A 157 3.33 -2.43 35.56
N ARG A 158 3.34 -3.38 34.62
CA ARG A 158 3.35 -4.81 34.95
C ARG A 158 4.70 -5.34 35.46
N ASN A 159 5.76 -4.55 35.28
CA ASN A 159 7.05 -4.83 35.95
C ASN A 159 7.02 -4.60 37.49
N LYS A 160 6.05 -3.82 37.98
CA LYS A 160 5.93 -3.49 39.41
C LYS A 160 4.64 -4.07 40.04
N LYS A 161 4.32 -5.32 39.70
CA LYS A 161 3.11 -6.02 40.17
C LYS A 161 1.81 -5.24 39.90
N LYS A 162 1.61 -4.91 38.62
CA LYS A 162 0.39 -4.24 38.13
C LYS A 162 0.08 -2.90 38.82
N TYR A 163 1.13 -2.12 39.08
CA TYR A 163 0.97 -0.77 39.64
C TYR A 163 0.46 0.18 38.55
N VAL A 164 -0.32 1.17 38.97
CA VAL A 164 -0.78 2.26 38.09
C VAL A 164 -0.59 3.60 38.77
N TRP A 165 -0.46 4.65 37.97
CA TRP A 165 -0.42 6.02 38.48
C TRP A 165 -1.73 6.32 39.21
N THR A 166 -1.62 6.83 40.44
CA THR A 166 -2.77 7.06 41.32
C THR A 166 -2.88 8.55 41.64
N PRO A 167 -4.06 9.16 41.40
CA PRO A 167 -4.24 10.57 41.76
C PRO A 167 -4.31 10.76 43.28
N ARG A 168 -3.94 11.96 43.73
CA ARG A 168 -3.81 12.26 45.17
C ARG A 168 -5.10 12.11 45.99
N ASN A 169 -6.25 12.37 45.34
CA ASN A 169 -7.57 12.20 45.98
C ASN A 169 -8.29 10.91 45.55
N ALA A 170 -7.53 9.85 45.29
CA ALA A 170 -8.09 8.53 44.99
C ALA A 170 -8.72 7.86 46.22
N ASN A 171 -8.19 8.19 47.40
CA ASN A 171 -8.68 7.66 48.68
C ASN A 171 -9.69 8.57 49.41
N ARG A 172 -10.27 9.54 48.71
CA ARG A 172 -11.30 10.44 49.26
C ARG A 172 -12.60 10.29 48.48
N GLY A 173 -13.70 10.05 49.18
CA GLY A 173 -15.02 9.94 48.57
C GLY A 173 -15.21 8.65 47.79
N ILE A 174 -16.15 8.67 46.85
CA ILE A 174 -16.45 7.53 45.98
C ILE A 174 -15.66 7.69 44.67
N VAL A 175 -14.75 6.75 44.42
CA VAL A 175 -13.88 6.76 43.23
C VAL A 175 -13.93 5.39 42.54
N TYR A 176 -13.93 5.41 41.20
CA TYR A 176 -13.92 4.18 40.40
C TYR A 176 -12.64 4.08 39.56
N GLN A 177 -12.01 2.90 39.60
CA GLN A 177 -10.86 2.59 38.76
C GLN A 177 -11.31 1.67 37.62
N TYR A 178 -11.53 2.25 36.44
CA TYR A 178 -12.01 1.50 35.28
C TYR A 178 -10.87 0.82 34.53
N GLU A 179 -11.04 -0.48 34.24
CA GLU A 179 -10.06 -1.27 33.50
C GLU A 179 -10.41 -1.22 32.01
N ILE A 180 -9.44 -0.82 31.18
CA ILE A 180 -9.66 -0.59 29.75
C ILE A 180 -8.72 -1.46 28.91
N TYR A 181 -9.29 -2.09 27.88
CA TYR A 181 -8.54 -2.86 26.88
C TYR A 181 -8.99 -2.39 25.50
N ALA A 182 -8.38 -1.31 25.02
CA ALA A 182 -8.83 -0.60 23.82
C ALA A 182 -7.81 -0.64 22.67
N PRO A 183 -8.29 -0.46 21.42
CA PRO A 183 -7.40 -0.29 20.27
C PRO A 183 -7.04 1.19 20.06
N GLY A 184 -5.92 1.43 19.39
CA GLY A 184 -5.51 2.80 19.05
C GLY A 184 -5.03 3.60 20.24
N GLY A 185 -5.25 4.92 20.17
CA GLY A 185 -4.81 5.84 21.22
C GLY A 185 -3.40 6.36 20.95
N VAL A 186 -3.08 7.50 21.55
CA VAL A 186 -1.80 8.17 21.37
C VAL A 186 -0.95 8.01 22.63
N ASP A 187 0.23 7.40 22.48
CA ASP A 187 1.18 7.25 23.58
C ASP A 187 1.91 8.58 23.79
N VAL A 188 1.74 9.16 24.98
CA VAL A 188 2.25 10.51 25.29
C VAL A 188 3.77 10.51 25.48
N ASN A 189 4.28 9.56 26.26
CA ASN A 189 5.73 9.47 26.54
C ASN A 189 6.56 9.10 25.32
N ASP A 190 6.06 8.17 24.50
CA ASP A 190 6.72 7.81 23.24
C ASP A 190 6.75 8.99 22.25
N SER A 191 5.69 9.81 22.28
CA SER A 191 5.60 10.97 21.38
C SER A 191 6.63 12.07 21.72
N PHE A 192 6.61 12.52 22.98
CA PHE A 192 7.43 13.65 23.42
C PHE A 192 8.82 13.26 23.95
N SER A 193 8.99 12.00 24.35
CA SER A 193 10.27 11.48 24.87
C SER A 193 10.74 12.24 26.13
N ASP A 194 11.89 12.91 26.10
CA ASP A 194 12.37 13.68 27.26
C ASP A 194 11.61 15.00 27.47
N ALA A 195 10.91 15.46 26.43
CA ALA A 195 10.05 16.65 26.54
C ALA A 195 8.64 16.36 27.08
N SER A 196 8.34 15.11 27.43
CA SER A 196 7.06 14.75 28.04
C SER A 196 6.92 15.42 29.41
N PRO A 197 5.87 16.25 29.61
CA PRO A 197 5.79 17.06 30.83
C PRO A 197 5.64 16.27 32.14
N TRP A 198 4.81 15.24 32.15
CA TRP A 198 4.58 14.40 33.34
C TRP A 198 4.65 12.92 32.96
N PRO A 199 5.88 12.38 32.78
CA PRO A 199 6.03 10.99 32.31
C PRO A 199 5.64 9.91 33.33
N ASN A 200 5.63 10.26 34.62
CA ASN A 200 5.09 9.39 35.67
C ASN A 200 3.61 8.98 35.46
N GLN A 201 2.85 9.84 34.79
CA GLN A 201 1.43 9.55 34.49
C GLN A 201 1.23 8.41 33.49
N MET A 202 2.22 8.17 32.63
CA MET A 202 2.21 7.06 31.66
C MET A 202 0.97 7.10 30.76
N GLN A 203 0.72 8.29 30.20
CA GLN A 203 -0.56 8.57 29.53
C GLN A 203 -0.73 7.93 28.16
N VAL A 204 -1.91 7.36 27.93
CA VAL A 204 -2.37 7.01 26.60
C VAL A 204 -3.65 7.82 26.35
N ALA A 205 -3.57 8.77 25.43
CA ALA A 205 -4.68 9.69 25.14
C ALA A 205 -5.58 9.14 24.04
N PHE A 206 -6.89 9.36 24.20
CA PHE A 206 -7.90 8.90 23.24
C PHE A 206 -8.75 10.09 22.76
N PRO A 207 -8.34 10.72 21.63
CA PRO A 207 -9.17 11.81 21.07
C PRO A 207 -10.47 11.28 20.49
N GLY A 208 -11.59 11.81 20.98
CA GLY A 208 -12.93 11.34 20.60
C GLY A 208 -13.53 10.29 21.52
N GLY A 209 -12.81 9.91 22.58
CA GLY A 209 -13.35 9.05 23.63
C GLY A 209 -13.00 7.57 23.53
N ILE A 210 -13.62 6.77 24.40
CA ILE A 210 -13.44 5.32 24.43
C ILE A 210 -14.81 4.67 24.48
N GLN A 211 -15.09 3.76 23.54
CA GLN A 211 -16.36 3.02 23.51
C GLN A 211 -16.49 2.08 24.71
N ASN A 212 -17.73 1.88 25.15
CA ASN A 212 -18.03 1.03 26.31
C ASN A 212 -17.64 -0.45 26.15
N ILE A 213 -17.59 -0.93 24.90
CA ILE A 213 -17.16 -2.31 24.59
C ILE A 213 -15.69 -2.62 24.93
N TYR A 214 -14.86 -1.58 25.08
CA TYR A 214 -13.44 -1.74 25.45
C TYR A 214 -13.14 -1.59 26.94
N ILE A 215 -14.17 -1.35 27.76
CA ILE A 215 -14.05 -1.28 29.22
C ILE A 215 -14.50 -2.63 29.80
N ARG A 216 -13.58 -3.32 30.48
CA ARG A 216 -13.87 -4.66 31.03
C ARG A 216 -14.54 -4.60 32.41
N SER A 217 -13.95 -3.82 33.32
CA SER A 217 -14.38 -3.81 34.72
C SER A 217 -14.19 -2.46 35.41
N ALA A 218 -14.68 -2.35 36.65
CA ALA A 218 -14.55 -1.13 37.45
C ALA A 218 -14.51 -1.44 38.95
N ARG A 219 -13.45 -1.01 39.63
CA ARG A 219 -13.29 -1.20 41.08
C ARG A 219 -13.87 -0.01 41.85
N GLU A 220 -15.00 -0.24 42.53
CA GLU A 220 -15.66 0.81 43.33
C GLU A 220 -14.96 0.97 44.67
N LEU A 221 -14.34 2.14 44.88
CA LEU A 221 -13.62 2.45 46.12
C LEU A 221 -14.37 3.51 46.93
N HIS A 222 -14.63 3.21 48.20
CA HIS A 222 -15.23 4.15 49.15
C HIS A 222 -14.18 4.55 50.18
N ASN A 223 -13.65 5.77 50.05
CA ASN A 223 -12.53 6.26 50.87
C ASN A 223 -11.29 5.35 50.81
N GLY A 224 -10.93 4.94 49.59
CA GLY A 224 -9.78 4.06 49.37
C GLY A 224 -9.95 2.63 49.88
N ARG A 225 -11.19 2.16 49.98
CA ARG A 225 -11.50 0.81 50.43
C ARG A 225 -12.47 0.18 49.44
N ILE A 226 -12.08 -0.96 48.86
CA ILE A 226 -12.89 -1.61 47.81
C ILE A 226 -14.21 -2.18 48.33
N GLN A 227 -15.29 -1.87 47.61
CA GLN A 227 -16.64 -2.35 47.94
C GLN A 227 -17.08 -3.45 46.96
N ARG A 228 -16.99 -3.15 45.66
CA ARG A 228 -17.41 -4.07 44.60
C ARG A 228 -16.51 -3.97 43.37
N ILE A 229 -16.54 -5.02 42.55
CA ILE A 229 -15.88 -5.05 41.25
C ILE A 229 -16.97 -5.25 40.19
N TRP A 230 -17.26 -4.19 39.43
CA TRP A 230 -18.29 -4.24 38.39
C TRP A 230 -17.76 -4.96 37.15
N ILE A 231 -18.60 -5.77 36.53
CA ILE A 231 -18.26 -6.52 35.31
C ILE A 231 -19.13 -6.03 34.17
N ASN A 232 -18.51 -5.55 33.10
CA ASN A 232 -19.22 -5.07 31.91
C ASN A 232 -19.60 -6.26 31.01
N PRO A 233 -20.90 -6.54 30.84
CA PRO A 233 -21.30 -7.69 30.00
C PRO A 233 -21.12 -7.46 28.50
N ASN A 234 -21.03 -6.19 28.07
CA ASN A 234 -20.82 -5.84 26.66
C ASN A 234 -19.34 -5.73 26.25
N PHE A 235 -18.43 -6.18 27.12
CA PHE A 235 -16.98 -6.12 26.84
C PHE A 235 -16.59 -7.09 25.72
N LEU A 236 -16.07 -6.53 24.63
CA LEU A 236 -15.55 -7.33 23.52
C LEU A 236 -14.20 -7.94 23.93
N ASP A 237 -14.20 -9.23 24.23
CA ASP A 237 -13.01 -9.92 24.73
C ASP A 237 -12.04 -10.23 23.56
N PRO A 238 -10.79 -9.74 23.64
CA PRO A 238 -9.79 -10.09 22.63
C PRO A 238 -9.07 -11.42 22.89
N GLY A 239 -9.27 -12.03 24.06
CA GLY A 239 -8.63 -13.30 24.43
C GLY A 239 -7.26 -13.09 25.05
N ASP A 240 -6.78 -14.13 25.75
CA ASP A 240 -5.47 -14.13 26.40
C ASP A 240 -5.24 -13.03 27.47
N LEU A 241 -6.30 -12.46 28.01
CA LEU A 241 -6.19 -11.46 29.07
C LEU A 241 -6.10 -12.19 30.41
N GLU A 242 -5.35 -11.61 31.35
CA GLU A 242 -5.26 -12.17 32.70
C GLU A 242 -6.58 -11.97 33.45
N PRO A 243 -6.82 -12.76 34.52
CA PRO A 243 -8.06 -12.57 35.29
C PRO A 243 -8.16 -11.20 35.95
N ILE A 244 -9.39 -10.79 36.25
CA ILE A 244 -9.64 -9.50 36.91
C ILE A 244 -9.06 -9.58 38.33
N VAL A 245 -8.32 -8.54 38.72
CA VAL A 245 -7.61 -8.53 40.01
C VAL A 245 -8.63 -8.40 41.14
N SER A 246 -8.79 -9.48 41.91
CA SER A 246 -9.84 -9.57 42.93
C SER A 246 -9.44 -10.52 44.06
N SER A 247 -9.80 -10.14 45.29
CA SER A 247 -9.65 -11.01 46.46
C SER A 247 -10.89 -11.91 46.58
N SER A 248 -10.82 -12.87 47.50
CA SER A 248 -11.95 -13.75 47.80
C SER A 248 -13.07 -13.01 48.56
N ARG A 249 -12.72 -11.94 49.28
CA ARG A 249 -13.68 -11.16 50.05
C ARG A 249 -14.54 -10.27 49.17
N THR A 250 -13.92 -9.67 48.14
CA THR A 250 -14.59 -8.69 47.28
C THR A 250 -15.65 -9.32 46.37
N PRO A 251 -16.93 -8.90 46.51
CA PRO A 251 -17.99 -9.44 45.66
C PRO A 251 -17.99 -8.83 44.26
N GLN A 252 -18.07 -9.69 43.24
CA GLN A 252 -18.13 -9.25 41.84
C GLN A 252 -19.59 -9.22 41.37
N VAL A 253 -19.97 -8.15 40.67
CA VAL A 253 -21.36 -7.93 40.23
C VAL A 253 -21.38 -7.65 38.72
N ILE A 254 -22.32 -8.29 38.02
CA ILE A 254 -22.52 -8.07 36.58
C ILE A 254 -23.47 -6.89 36.39
N TRP A 255 -23.07 -5.92 35.57
CA TRP A 255 -23.80 -4.67 35.39
C TRP A 255 -24.95 -4.82 34.37
N ARG A 256 -25.99 -4.01 34.56
CA ARG A 256 -27.05 -3.82 33.56
C ARG A 256 -27.47 -2.35 33.54
N MET A 257 -28.24 -1.97 32.53
CA MET A 257 -28.72 -0.59 32.38
C MET A 257 -29.68 -0.24 33.53
N ASN A 258 -29.39 0.89 34.19
CA ASN A 258 -30.11 1.32 35.40
C ASN A 258 -30.06 0.29 36.53
N HIS A 259 -28.84 -0.06 36.94
CA HIS A 259 -28.61 -0.99 38.04
C HIS A 259 -28.94 -0.27 39.36
N PRO A 260 -29.60 -0.97 40.33
CA PRO A 260 -29.99 -0.30 41.58
C PRO A 260 -28.81 0.29 42.39
N ASP A 261 -27.77 -0.51 42.60
CA ASP A 261 -26.55 -0.08 43.31
C ASP A 261 -25.44 0.49 42.39
N GLY A 262 -25.74 0.73 41.12
CA GLY A 262 -24.73 1.14 40.13
C GLY A 262 -24.65 2.62 39.79
N GLY A 263 -25.17 3.48 40.66
CA GLY A 263 -25.16 4.94 40.45
C GLY A 263 -24.71 5.74 41.66
N HIS A 264 -23.74 5.21 42.41
CA HIS A 264 -23.23 5.88 43.60
C HIS A 264 -22.15 6.90 43.23
N ARG A 265 -22.33 8.14 43.68
CA ARG A 265 -21.34 9.21 43.47
C ARG A 265 -21.36 10.20 44.64
N ASP A 266 -20.45 11.17 44.61
CA ASP A 266 -20.33 12.18 45.67
C ASP A 266 -21.50 13.17 45.62
N TYR B 45 8.40 -1.40 -6.86
CA TYR B 45 8.13 -0.35 -7.88
C TYR B 45 6.85 -0.64 -8.66
N MET B 46 6.29 0.42 -9.26
CA MET B 46 5.04 0.31 -10.04
C MET B 46 5.33 -0.14 -11.46
N THR B 47 4.48 -1.03 -11.99
CA THR B 47 4.57 -1.51 -13.37
C THR B 47 3.19 -1.83 -13.93
N ASN B 48 3.01 -1.60 -15.23
CA ASN B 48 1.76 -1.94 -15.94
C ASN B 48 1.67 -3.42 -16.31
N GLY B 49 2.81 -4.13 -16.28
CA GLY B 49 2.82 -5.59 -16.35
C GLY B 49 2.39 -6.17 -17.69
N ILE B 50 1.13 -6.63 -17.74
CA ILE B 50 0.57 -7.33 -18.92
C ILE B 50 -0.62 -6.55 -19.53
N GLN B 51 -0.59 -5.23 -19.41
CA GLN B 51 -1.65 -4.36 -19.92
C GLN B 51 -1.76 -4.39 -21.45
N ALA B 52 -0.63 -4.58 -22.13
CA ALA B 52 -0.59 -4.63 -23.60
C ALA B 52 -1.01 -5.97 -24.23
N ALA B 53 -1.23 -7.01 -23.41
CA ALA B 53 -1.52 -8.35 -23.92
C ALA B 53 -2.85 -8.46 -24.68
N VAL B 54 -2.82 -9.16 -25.81
CA VAL B 54 -4.04 -9.47 -26.59
C VAL B 54 -4.71 -10.78 -26.15
N VAL B 55 -3.91 -11.73 -25.66
CA VAL B 55 -4.42 -13.02 -25.20
C VAL B 55 -5.14 -12.81 -23.86
N GLU B 56 -6.44 -13.12 -23.83
CA GLU B 56 -7.31 -12.74 -22.71
C GLU B 56 -7.00 -13.47 -21.39
N TRP B 57 -6.64 -14.75 -21.45
CA TRP B 57 -6.34 -15.51 -20.22
C TRP B 57 -5.07 -15.00 -19.52
N ILE B 58 -4.07 -14.58 -20.30
CA ILE B 58 -2.86 -13.93 -19.75
C ILE B 58 -3.19 -12.53 -19.21
N ARG B 59 -4.03 -11.78 -19.93
CA ARG B 59 -4.45 -10.45 -19.51
C ARG B 59 -5.24 -10.46 -18.20
N ALA B 60 -6.01 -11.52 -17.96
CA ALA B 60 -6.79 -11.68 -16.73
C ALA B 60 -5.98 -12.15 -15.50
N LEU B 61 -4.77 -12.66 -15.71
CA LEU B 61 -3.93 -13.16 -14.61
C LEU B 61 -3.49 -12.06 -13.65
N ASP B 62 -3.25 -12.46 -12.40
CA ASP B 62 -2.60 -11.61 -11.41
C ASP B 62 -1.11 -11.53 -11.77
N LEU B 63 -0.48 -10.40 -11.43
CA LEU B 63 0.94 -10.18 -11.76
C LEU B 63 1.89 -11.20 -11.13
N GLU B 64 1.53 -11.71 -9.95
CA GLU B 64 2.31 -12.75 -9.26
C GLU B 64 2.28 -14.11 -9.97
N ILE B 65 1.15 -14.43 -10.62
CA ILE B 65 0.99 -15.73 -11.30
C ILE B 65 1.78 -15.74 -12.62
N ILE B 66 1.59 -14.72 -13.45
CA ILE B 66 2.37 -14.57 -14.69
C ILE B 66 3.88 -14.46 -14.42
N SER B 67 4.25 -13.80 -13.33
CA SER B 67 5.66 -13.73 -12.91
C SER B 67 6.25 -15.11 -12.58
N LEU B 68 5.45 -15.96 -11.94
CA LEU B 68 5.85 -17.34 -11.65
C LEU B 68 6.08 -18.16 -12.93
N LEU B 69 5.16 -18.05 -13.89
CA LEU B 69 5.27 -18.78 -15.16
C LEU B 69 6.52 -18.39 -15.97
N LEU B 70 6.88 -17.11 -15.92
CA LEU B 70 8.10 -16.60 -16.56
C LEU B 70 9.40 -17.09 -15.90
N SER B 71 9.38 -17.26 -14.57
CA SER B 71 10.59 -17.56 -13.79
C SER B 71 10.73 -18.99 -13.24
N ARG B 72 9.64 -19.76 -13.21
CA ARG B 72 9.63 -21.12 -12.63
C ARG B 72 10.73 -22.07 -13.13
N ALA B 73 11.07 -21.99 -14.40
CA ALA B 73 12.06 -22.88 -15.03
C ALA B 73 13.52 -22.38 -14.96
N TRP B 74 13.76 -21.23 -14.32
CA TRP B 74 15.11 -20.68 -14.19
C TRP B 74 15.97 -21.57 -13.28
N PRO B 75 17.21 -21.89 -13.68
CA PRO B 75 18.10 -22.66 -12.80
C PRO B 75 18.56 -21.85 -11.58
N MET B 76 19.07 -22.55 -10.56
CA MET B 76 19.38 -21.96 -9.26
C MET B 76 20.44 -20.85 -9.34
N ALA B 77 21.45 -21.04 -10.18
CA ALA B 77 22.48 -20.02 -10.42
C ALA B 77 21.90 -18.72 -10.98
N LEU B 78 20.88 -18.85 -11.84
CA LEU B 78 20.20 -17.69 -12.43
C LEU B 78 19.29 -17.00 -11.41
N LEU B 79 18.50 -17.80 -10.68
CA LEU B 79 17.59 -17.28 -9.63
C LEU B 79 18.29 -16.43 -8.57
N ALA B 80 19.47 -16.88 -8.12
CA ALA B 80 20.25 -16.17 -7.09
C ALA B 80 20.80 -14.82 -7.57
N THR B 81 21.12 -14.73 -8.86
CA THR B 81 21.74 -13.53 -9.44
C THR B 81 20.78 -12.63 -10.24
N SER B 82 19.60 -13.14 -10.61
CA SER B 82 18.64 -12.40 -11.45
C SER B 82 17.35 -12.05 -10.70
N GLU B 83 16.63 -11.09 -11.26
CA GLU B 83 15.26 -10.76 -10.85
C GLU B 83 14.41 -10.62 -12.11
N LEU B 84 13.10 -10.80 -11.96
CA LEU B 84 12.17 -10.60 -13.08
C LEU B 84 11.80 -9.13 -13.15
N ARG B 85 12.61 -8.36 -13.89
CA ARG B 85 12.44 -6.91 -13.98
C ARG B 85 11.40 -6.55 -15.05
N TRP B 86 10.15 -6.41 -14.62
CA TRP B 86 9.11 -5.80 -15.44
C TRP B 86 9.49 -4.34 -15.66
N ARG B 87 9.23 -3.81 -16.85
CA ARG B 87 9.51 -2.39 -17.13
C ARG B 87 8.69 -1.53 -16.18
N PRO B 88 9.34 -0.65 -15.39
CA PRO B 88 8.58 0.24 -14.51
C PRO B 88 7.83 1.32 -15.28
N THR B 89 6.82 1.92 -14.64
CA THR B 89 6.02 2.99 -15.24
C THR B 89 6.88 4.21 -15.63
N VAL B 90 7.90 4.49 -14.82
CA VAL B 90 8.93 5.49 -15.13
C VAL B 90 10.26 4.76 -15.19
N LEU B 91 10.96 4.89 -16.33
CA LEU B 91 12.21 4.17 -16.58
C LEU B 91 13.29 5.09 -17.15
N THR B 92 14.54 4.64 -17.06
CA THR B 92 15.69 5.31 -17.67
C THR B 92 15.94 4.68 -19.04
N ASP B 93 15.93 5.51 -20.08
CA ASP B 93 15.99 5.03 -21.47
C ASP B 93 17.45 4.86 -21.94
N THR B 94 17.63 4.44 -23.19
CA THR B 94 18.97 4.16 -23.75
C THR B 94 19.87 5.39 -23.91
N ASP B 95 19.28 6.58 -23.98
CA ASP B 95 20.05 7.85 -24.01
C ASP B 95 20.15 8.53 -22.63
N ASN B 96 19.94 7.76 -21.56
CA ASN B 96 19.99 8.24 -20.17
C ASN B 96 18.95 9.33 -19.82
N VAL B 97 17.85 9.36 -20.57
CA VAL B 97 16.75 10.31 -20.32
C VAL B 97 15.62 9.52 -19.67
N VAL B 98 15.05 10.05 -18.59
CA VAL B 98 13.98 9.39 -17.87
C VAL B 98 12.65 9.63 -18.60
N ARG B 99 11.99 8.54 -19.00
CA ARG B 99 10.72 8.60 -19.72
C ARG B 99 9.71 7.64 -19.11
N LEU B 100 8.43 7.86 -19.45
CA LEU B 100 7.37 6.91 -19.11
C LEU B 100 7.51 5.67 -20.00
N ASP B 101 7.00 4.53 -19.52
CA ASP B 101 7.06 3.26 -20.27
C ASP B 101 6.48 3.34 -21.68
N ARG B 102 5.40 4.11 -21.84
CA ARG B 102 4.76 4.30 -23.15
C ARG B 102 5.50 5.25 -24.09
N ARG B 103 6.51 5.98 -23.61
CA ARG B 103 7.32 6.87 -24.44
C ARG B 103 8.68 6.27 -24.85
N GLN B 104 9.00 5.07 -24.36
CA GLN B 104 10.19 4.35 -24.85
C GLN B 104 9.88 3.77 -26.23
N ARG B 105 10.58 4.25 -27.24
CA ARG B 105 10.39 3.80 -28.62
C ARG B 105 10.96 2.40 -28.82
N LEU B 106 10.08 1.40 -28.77
CA LEU B 106 10.42 0.02 -29.11
C LEU B 106 10.11 -0.23 -30.58
N VAL B 107 10.82 -1.18 -31.19
CA VAL B 107 10.46 -1.65 -32.54
C VAL B 107 10.44 -3.17 -32.61
N ARG B 108 9.66 -3.69 -33.56
CA ARG B 108 9.65 -5.11 -33.87
C ARG B 108 9.80 -5.31 -35.38
N TRP B 109 10.85 -6.01 -35.78
CA TRP B 109 11.03 -6.46 -37.16
C TRP B 109 10.08 -7.64 -37.39
N ASP B 110 9.33 -7.61 -38.48
CA ASP B 110 8.37 -8.67 -38.79
C ASP B 110 8.09 -8.78 -40.30
N ARG B 111 7.93 -10.01 -40.77
CA ARG B 111 7.65 -10.30 -42.17
C ARG B 111 6.17 -10.09 -42.56
N ARG B 112 5.27 -10.20 -41.57
CA ARG B 112 3.83 -10.08 -41.82
C ARG B 112 3.43 -8.62 -42.11
N PRO B 113 2.46 -8.40 -43.02
CA PRO B 113 2.12 -7.05 -43.47
C PRO B 113 1.14 -6.30 -42.53
N PRO B 114 0.94 -4.98 -42.75
CA PRO B 114 0.02 -4.17 -41.94
C PRO B 114 -1.42 -4.69 -41.86
N ASN B 115 -1.95 -5.24 -42.96
CA ASN B 115 -3.32 -5.80 -42.98
C ASN B 115 -3.57 -6.89 -41.93
N GLU B 116 -2.52 -7.59 -41.49
CA GLU B 116 -2.60 -8.53 -40.37
C GLU B 116 -2.22 -7.86 -39.04
N ILE B 117 -1.10 -7.14 -39.02
CA ILE B 117 -0.50 -6.63 -37.77
C ILE B 117 -1.30 -5.45 -37.18
N PHE B 118 -1.68 -4.48 -38.01
CA PHE B 118 -2.52 -3.37 -37.55
C PHE B 118 -3.93 -3.84 -37.18
N LEU B 119 -4.40 -4.92 -37.81
CA LEU B 119 -5.72 -5.50 -37.53
C LEU B 119 -5.73 -6.25 -36.19
N ASP B 120 -4.82 -7.22 -36.05
CA ASP B 120 -4.80 -8.12 -34.88
C ASP B 120 -3.84 -7.72 -33.76
N GLY B 121 -2.94 -6.77 -34.01
CA GLY B 121 -1.80 -6.52 -33.12
C GLY B 121 -0.76 -7.60 -33.33
N PHE B 122 0.05 -7.84 -32.30
CA PHE B 122 1.02 -8.94 -32.30
C PHE B 122 0.53 -10.06 -31.40
N VAL B 123 0.00 -11.13 -32.01
CA VAL B 123 -0.46 -12.30 -31.28
C VAL B 123 0.72 -13.27 -31.17
N PRO B 124 0.98 -13.83 -29.96
CA PRO B 124 2.07 -14.81 -29.83
C PRO B 124 1.75 -16.15 -30.49
N ILE B 125 2.78 -16.96 -30.72
CA ILE B 125 2.64 -18.26 -31.40
C ILE B 125 1.82 -19.24 -30.55
N VAL B 126 2.11 -19.30 -29.25
CA VAL B 126 1.35 -20.13 -28.31
C VAL B 126 0.31 -19.26 -27.59
N THR B 127 -0.97 -19.55 -27.84
CA THR B 127 -2.09 -18.83 -27.21
C THR B 127 -2.97 -19.68 -26.28
N ARG B 128 -2.73 -21.00 -26.23
CA ARG B 128 -3.58 -21.92 -25.43
C ARG B 128 -3.41 -21.74 -23.92
N GLU B 129 -4.44 -22.13 -23.17
CA GLU B 129 -4.54 -21.83 -21.73
C GLU B 129 -3.63 -22.67 -20.82
N ASN B 130 -3.27 -23.88 -21.26
CA ASN B 130 -2.34 -24.74 -20.51
C ASN B 130 -1.07 -25.01 -21.32
N PRO B 131 -0.18 -24.01 -21.43
CA PRO B 131 1.08 -24.19 -22.15
C PRO B 131 2.12 -24.95 -21.33
N ASP B 132 3.14 -25.48 -22.01
CA ASP B 132 4.23 -26.19 -21.36
C ASP B 132 5.19 -25.23 -20.67
N TRP B 133 6.10 -25.79 -19.87
CA TRP B 133 7.15 -25.02 -19.18
C TRP B 133 8.05 -24.26 -20.15
N GLU B 134 8.37 -24.89 -21.28
CA GLU B 134 9.23 -24.30 -22.31
C GLU B 134 8.56 -23.10 -23.01
N GLU B 135 7.24 -23.15 -23.13
CA GLU B 135 6.46 -22.11 -23.82
C GLU B 135 6.20 -20.86 -22.97
N THR B 136 6.36 -20.96 -21.64
CA THR B 136 6.21 -19.81 -20.74
C THR B 136 7.53 -19.27 -20.18
N ASP B 137 8.64 -19.97 -20.39
CA ASP B 137 9.93 -19.59 -19.79
C ASP B 137 10.55 -18.40 -20.52
N LEU B 138 10.89 -17.35 -19.76
CA LEU B 138 11.48 -16.12 -20.31
C LEU B 138 12.93 -16.32 -20.76
N TYR B 139 13.70 -17.05 -19.96
CA TYR B 139 15.13 -17.27 -20.24
C TYR B 139 15.35 -18.11 -21.49
N GLY B 140 14.61 -19.21 -21.60
CA GLY B 140 14.63 -20.07 -22.78
C GLY B 140 14.14 -19.39 -24.04
N PHE B 141 13.14 -18.51 -23.88
CA PHE B 141 12.66 -17.68 -25.00
C PHE B 141 13.73 -16.69 -25.46
N ALA B 142 14.33 -15.98 -24.50
CA ALA B 142 15.40 -15.03 -24.79
C ALA B 142 16.60 -15.70 -25.46
N LYS B 143 16.98 -16.88 -24.96
CA LYS B 143 18.14 -17.61 -25.47
C LYS B 143 17.86 -18.27 -26.82
N ASN B 144 16.86 -19.16 -26.85
CA ASN B 144 16.63 -20.06 -27.99
C ASN B 144 15.51 -19.65 -28.97
N ASN B 145 14.56 -18.83 -28.50
CA ASN B 145 13.42 -18.37 -29.30
C ASN B 145 12.54 -19.53 -29.83
N HIS B 146 12.23 -20.48 -28.96
CA HIS B 146 11.28 -21.54 -29.29
C HIS B 146 9.86 -20.99 -29.16
N PRO B 147 8.87 -21.61 -29.85
CA PRO B 147 7.47 -21.12 -29.80
C PRO B 147 6.97 -20.88 -28.36
N SER B 148 6.39 -19.71 -28.13
CA SER B 148 6.09 -19.24 -26.77
C SER B 148 4.91 -18.26 -26.71
N ILE B 149 4.57 -17.87 -25.48
CA ILE B 149 3.58 -16.82 -25.21
C ILE B 149 4.10 -15.38 -25.41
N PHE B 150 5.41 -15.23 -25.65
CA PHE B 150 6.04 -13.90 -25.73
C PHE B 150 6.07 -13.33 -27.15
N VAL B 151 6.02 -12.00 -27.24
CA VAL B 151 6.34 -11.26 -28.45
C VAL B 151 7.57 -10.41 -28.16
N SER B 152 8.64 -10.60 -28.93
CA SER B 152 9.89 -9.88 -28.73
C SER B 152 9.89 -8.53 -29.43
N THR B 153 10.48 -7.54 -28.77
CA THR B 153 10.74 -6.22 -29.36
C THR B 153 12.15 -5.78 -28.97
N THR B 154 12.63 -4.70 -29.57
CA THR B 154 13.97 -4.17 -29.27
C THR B 154 13.92 -2.66 -29.04
N LYS B 155 14.73 -2.18 -28.10
CA LYS B 155 14.81 -0.77 -27.75
C LYS B 155 15.55 0.01 -28.84
N THR B 156 15.08 1.23 -29.11
CA THR B 156 15.80 2.14 -30.00
C THR B 156 17.00 2.72 -29.26
N GLN B 157 18.19 2.57 -29.83
CA GLN B 157 19.40 3.20 -29.30
C GLN B 157 19.41 4.66 -29.77
N ARG B 158 19.21 5.59 -28.84
CA ARG B 158 19.00 7.00 -29.15
C ARG B 158 20.21 7.89 -28.84
N ASN B 159 21.42 7.35 -29.01
CA ASN B 159 22.67 8.11 -28.96
C ASN B 159 23.55 7.77 -30.15
N LYS B 162 19.37 7.74 -34.73
CA LYS B 162 18.75 6.57 -34.09
C LYS B 162 19.29 5.28 -34.68
N TYR B 163 19.96 4.48 -33.86
CA TYR B 163 20.33 3.11 -34.20
C TYR B 163 19.36 2.13 -33.53
N VAL B 164 19.22 0.95 -34.13
CA VAL B 164 18.46 -0.14 -33.54
C VAL B 164 19.02 -1.48 -34.02
N TRP B 165 18.90 -2.52 -33.19
CA TRP B 165 19.36 -3.86 -33.55
C TRP B 165 18.63 -4.36 -34.80
N THR B 166 19.40 -4.90 -35.75
CA THR B 166 18.90 -5.34 -37.04
C THR B 166 19.18 -6.84 -37.21
N PRO B 167 18.16 -7.65 -37.56
CA PRO B 167 18.43 -9.06 -37.83
C PRO B 167 19.24 -9.26 -39.12
N ARG B 168 19.90 -10.41 -39.23
CA ARG B 168 20.89 -10.66 -40.29
C ARG B 168 20.32 -10.68 -41.71
N ASN B 169 19.05 -11.06 -41.85
CA ASN B 169 18.35 -11.07 -43.15
C ASN B 169 17.35 -9.91 -43.30
N ALA B 170 17.61 -8.78 -42.65
CA ALA B 170 16.74 -7.60 -42.72
C ALA B 170 16.84 -6.87 -44.06
N ASN B 171 18.02 -6.95 -44.70
CA ASN B 171 18.23 -6.34 -46.03
C ASN B 171 17.96 -7.29 -47.21
N ARG B 172 17.13 -8.31 -46.99
CA ARG B 172 16.74 -9.27 -48.03
C ARG B 172 15.23 -9.48 -47.99
N GLY B 173 14.58 -9.31 -49.14
CA GLY B 173 13.13 -9.51 -49.25
C GLY B 173 12.32 -8.39 -48.62
N ILE B 174 11.06 -8.69 -48.32
CA ILE B 174 10.10 -7.72 -47.79
C ILE B 174 10.03 -7.89 -46.27
N VAL B 175 10.30 -6.82 -45.53
CA VAL B 175 10.23 -6.84 -44.06
C VAL B 175 9.74 -5.49 -43.51
N TYR B 176 9.06 -5.53 -42.37
CA TYR B 176 8.45 -4.35 -41.76
C TYR B 176 9.03 -4.08 -40.37
N GLN B 177 9.54 -2.87 -40.16
CA GLN B 177 9.97 -2.40 -38.83
C GLN B 177 8.80 -1.66 -38.20
N TYR B 178 8.08 -2.35 -37.30
CA TYR B 178 6.93 -1.75 -36.61
C TYR B 178 7.38 -0.92 -35.41
N GLU B 179 6.85 0.30 -35.30
CA GLU B 179 7.18 1.21 -34.20
C GLU B 179 6.14 1.04 -33.08
N ILE B 180 6.62 0.66 -31.89
CA ILE B 180 5.75 0.29 -30.76
C ILE B 180 5.95 1.24 -29.58
N TYR B 181 4.84 1.69 -28.99
CA TYR B 181 4.82 2.52 -27.79
C TYR B 181 3.83 1.90 -26.80
N ALA B 182 4.31 0.91 -26.05
CA ALA B 182 3.45 0.05 -25.23
C ALA B 182 3.70 0.20 -23.73
N PRO B 183 2.68 -0.13 -22.89
CA PRO B 183 2.85 -0.22 -21.45
C PRO B 183 3.32 -1.60 -21.01
N GLY B 184 4.05 -1.66 -19.90
CA GLY B 184 4.49 -2.93 -19.32
C GLY B 184 5.58 -3.63 -20.11
N GLY B 185 5.57 -4.96 -20.08
CA GLY B 185 6.59 -5.78 -20.72
C GLY B 185 7.79 -6.01 -19.81
N VAL B 186 8.54 -7.07 -20.09
CA VAL B 186 9.69 -7.47 -19.29
C VAL B 186 10.99 -7.06 -19.97
N ASP B 187 11.81 -6.27 -19.28
CA ASP B 187 13.14 -5.90 -19.74
C ASP B 187 14.08 -7.09 -19.51
N VAL B 188 14.63 -7.62 -20.60
CA VAL B 188 15.43 -8.86 -20.56
C VAL B 188 16.85 -8.61 -20.03
N ASN B 189 17.50 -7.54 -20.48
CA ASN B 189 18.85 -7.17 -20.01
C ASN B 189 18.89 -6.78 -18.53
N ASP B 190 17.91 -5.99 -18.10
CA ASP B 190 17.77 -5.62 -16.68
C ASP B 190 17.46 -6.83 -15.80
N SER B 191 16.70 -7.78 -16.33
CA SER B 191 16.35 -9.00 -15.60
C SER B 191 17.57 -9.90 -15.35
N PHE B 192 18.23 -10.29 -16.44
CA PHE B 192 19.33 -11.28 -16.38
C PHE B 192 20.74 -10.68 -16.23
N SER B 193 20.88 -9.36 -16.43
CA SER B 193 22.16 -8.66 -16.26
C SER B 193 23.23 -9.24 -17.22
N ASP B 194 24.43 -9.56 -16.72
CA ASP B 194 25.48 -10.19 -17.56
C ASP B 194 25.19 -11.65 -17.97
N ALA B 195 24.12 -12.26 -17.45
CA ALA B 195 23.61 -13.55 -17.93
C ALA B 195 22.55 -13.43 -19.04
N SER B 196 22.30 -12.22 -19.54
CA SER B 196 21.36 -12.01 -20.66
C SER B 196 21.93 -12.68 -21.93
N PRO B 197 21.15 -13.59 -22.56
CA PRO B 197 21.66 -14.33 -23.72
C PRO B 197 22.21 -13.49 -24.88
N TRP B 198 21.49 -12.44 -25.27
CA TRP B 198 21.86 -11.58 -26.40
C TRP B 198 21.69 -10.09 -26.03
N PRO B 199 22.67 -9.51 -25.31
CA PRO B 199 22.57 -8.13 -24.79
C PRO B 199 22.36 -7.02 -25.83
N ASN B 200 23.00 -7.13 -26.99
CA ASN B 200 22.86 -6.13 -28.07
C ASN B 200 21.46 -6.05 -28.69
N GLN B 201 20.67 -7.13 -28.54
CA GLN B 201 19.28 -7.13 -28.99
C GLN B 201 18.40 -6.21 -28.14
N MET B 202 18.78 -5.97 -26.89
CA MET B 202 18.07 -5.06 -25.98
C MET B 202 16.58 -5.39 -25.93
N GLN B 203 16.31 -6.66 -25.61
CA GLN B 203 14.99 -7.25 -25.77
C GLN B 203 14.02 -6.80 -24.66
N VAL B 204 12.81 -6.40 -25.08
CA VAL B 204 11.68 -6.22 -24.18
C VAL B 204 10.59 -7.20 -24.62
N ALA B 205 10.36 -8.23 -23.81
CA ALA B 205 9.40 -9.30 -24.12
C ALA B 205 8.03 -8.99 -23.53
N PHE B 206 6.99 -9.23 -24.34
CA PHE B 206 5.59 -9.00 -23.93
C PHE B 206 4.85 -10.34 -23.87
N PRO B 207 4.65 -10.90 -22.65
CA PRO B 207 3.86 -12.14 -22.56
C PRO B 207 2.38 -11.87 -22.80
N GLY B 208 1.78 -12.64 -23.71
CA GLY B 208 0.40 -12.43 -24.14
C GLY B 208 0.24 -11.44 -25.29
N GLY B 209 1.34 -11.00 -25.88
CA GLY B 209 1.31 -10.16 -27.09
C GLY B 209 1.26 -8.66 -26.87
N ILE B 210 1.03 -7.93 -27.95
CA ILE B 210 0.93 -6.46 -27.94
C ILE B 210 -0.31 -6.06 -28.74
N GLN B 211 -1.18 -5.24 -28.14
CA GLN B 211 -2.39 -4.75 -28.81
C GLN B 211 -2.06 -3.77 -29.93
N ASN B 212 -2.93 -3.73 -30.94
CA ASN B 212 -2.75 -2.87 -32.12
C ASN B 212 -2.77 -1.36 -31.82
N ILE B 213 -3.46 -0.97 -30.75
CA ILE B 213 -3.50 0.45 -30.32
C ILE B 213 -2.15 1.01 -29.84
N TYR B 214 -1.19 0.15 -29.51
CA TYR B 214 0.16 0.57 -29.10
C TYR B 214 1.21 0.57 -30.22
N ILE B 215 0.78 0.25 -31.46
CA ILE B 215 1.65 0.30 -32.64
C ILE B 215 1.36 1.58 -33.41
N ARG B 216 2.33 2.50 -33.47
CA ARG B 216 2.13 3.79 -34.14
C ARG B 216 2.29 3.69 -35.66
N SER B 217 3.37 3.06 -36.11
CA SER B 217 3.71 3.04 -37.53
C SER B 217 4.48 1.78 -37.95
N ALA B 218 4.74 1.65 -39.25
CA ALA B 218 5.50 0.54 -39.81
C ALA B 218 6.29 0.96 -41.05
N ARG B 219 7.62 0.82 -41.00
CA ARG B 219 8.50 1.10 -42.13
C ARG B 219 8.58 -0.12 -43.05
N GLU B 220 7.96 -0.04 -44.23
CA GLU B 220 8.02 -1.12 -45.21
C GLU B 220 9.35 -1.07 -45.96
N LEU B 221 10.23 -2.04 -45.69
CA LEU B 221 11.52 -2.16 -46.37
C LEU B 221 11.48 -3.24 -47.46
N HIS B 222 12.24 -3.02 -48.52
CA HIS B 222 12.40 -3.99 -49.61
C HIS B 222 13.89 -4.07 -49.96
N ASN B 223 14.53 -5.19 -49.63
CA ASN B 223 15.98 -5.37 -49.73
C ASN B 223 16.78 -4.26 -49.02
N GLY B 224 16.31 -3.89 -47.83
CA GLY B 224 16.95 -2.84 -47.02
C GLY B 224 16.51 -1.41 -47.27
N ARG B 225 15.85 -1.15 -48.40
CA ARG B 225 15.47 0.21 -48.81
C ARG B 225 14.04 0.52 -48.39
N ILE B 226 13.83 1.73 -47.85
CA ILE B 226 12.49 2.18 -47.45
C ILE B 226 11.56 2.39 -48.66
N GLN B 227 10.36 1.82 -48.57
CA GLN B 227 9.33 1.94 -49.61
C GLN B 227 8.21 2.86 -49.15
N ARG B 228 7.65 2.58 -47.98
CA ARG B 228 6.56 3.35 -47.38
C ARG B 228 6.66 3.40 -45.86
N ILE B 229 5.93 4.36 -45.27
CA ILE B 229 5.74 4.45 -43.82
C ILE B 229 4.24 4.40 -43.55
N TRP B 230 3.77 3.26 -43.03
CA TRP B 230 2.35 3.08 -42.71
C TRP B 230 2.00 3.77 -41.40
N ILE B 231 0.86 4.47 -41.38
CA ILE B 231 0.38 5.16 -40.18
C ILE B 231 -0.87 4.44 -39.65
N ASN B 232 -0.82 4.03 -38.38
CA ASN B 232 -1.94 3.36 -37.73
C ASN B 232 -2.96 4.40 -37.23
N PRO B 233 -4.20 4.41 -37.78
CA PRO B 233 -5.19 5.38 -37.31
C PRO B 233 -5.75 5.11 -35.91
N ASN B 234 -5.67 3.86 -35.45
CA ASN B 234 -6.14 3.47 -34.12
C ASN B 234 -5.07 3.53 -33.02
N PHE B 235 -3.93 4.16 -33.30
CA PHE B 235 -2.87 4.33 -32.31
C PHE B 235 -3.31 5.27 -31.19
N LEU B 236 -3.31 4.75 -29.95
CA LEU B 236 -3.60 5.56 -28.77
C LEU B 236 -2.38 6.41 -28.46
N ASP B 237 -2.45 7.70 -28.82
CA ASP B 237 -1.32 8.62 -28.68
C ASP B 237 -1.15 9.04 -27.21
N PRO B 238 0.03 8.76 -26.60
CA PRO B 238 0.29 9.26 -25.24
C PRO B 238 0.75 10.71 -25.17
N GLY B 239 1.09 11.32 -26.32
CA GLY B 239 1.59 12.70 -26.36
C GLY B 239 3.09 12.76 -26.17
N ASP B 240 3.69 13.88 -26.57
CA ASP B 240 5.13 14.15 -26.43
C ASP B 240 6.08 13.19 -27.17
N LEU B 241 5.57 12.42 -28.13
CA LEU B 241 6.41 11.53 -28.93
C LEU B 241 7.04 12.36 -30.04
N GLU B 242 8.25 11.98 -30.45
CA GLU B 242 8.93 12.65 -31.57
C GLU B 242 8.20 12.34 -32.88
N PRO B 243 8.33 13.22 -33.89
CA PRO B 243 7.73 12.92 -35.20
C PRO B 243 8.31 11.65 -35.84
N ILE B 244 7.52 11.00 -36.69
CA ILE B 244 7.93 9.76 -37.33
C ILE B 244 9.11 10.03 -38.26
N VAL B 245 10.17 9.23 -38.13
CA VAL B 245 11.41 9.44 -38.90
C VAL B 245 11.15 9.25 -40.40
N SER B 246 11.43 10.30 -41.19
CA SER B 246 11.05 10.33 -42.61
C SER B 246 11.98 11.20 -43.45
N SER B 247 11.89 11.00 -44.76
CA SER B 247 12.52 11.88 -45.76
C SER B 247 11.42 12.46 -46.65
N SER B 248 11.80 13.35 -47.56
CA SER B 248 10.85 14.01 -48.45
C SER B 248 10.23 13.06 -49.48
N ARG B 249 11.08 12.22 -50.10
CA ARG B 249 10.63 11.30 -51.16
C ARG B 249 9.83 10.10 -50.64
N THR B 250 10.05 9.70 -49.39
CA THR B 250 9.32 8.57 -48.78
C THR B 250 7.85 8.96 -48.49
N PRO B 251 6.88 8.30 -49.15
CA PRO B 251 5.47 8.62 -48.93
C PRO B 251 4.90 7.98 -47.66
N GLN B 252 4.14 8.76 -46.88
CA GLN B 252 3.42 8.26 -45.72
C GLN B 252 1.98 7.92 -46.11
N VAL B 253 1.51 6.75 -45.68
CA VAL B 253 0.18 6.24 -46.04
C VAL B 253 -0.60 5.90 -44.77
N ILE B 254 -1.83 6.40 -44.69
CA ILE B 254 -2.73 6.08 -43.57
C ILE B 254 -3.39 4.73 -43.87
N TRP B 255 -3.18 3.77 -42.97
CA TRP B 255 -3.71 2.40 -43.13
C TRP B 255 -5.21 2.36 -42.84
N ARG B 256 -5.92 1.50 -43.58
CA ARG B 256 -7.28 1.10 -43.25
C ARG B 256 -7.41 -0.42 -43.42
N MET B 257 -8.53 -0.97 -42.95
CA MET B 257 -8.76 -2.42 -43.02
C MET B 257 -8.90 -2.87 -44.48
N ASN B 258 -8.15 -3.92 -44.84
CA ASN B 258 -8.10 -4.44 -46.21
C ASN B 258 -7.60 -3.40 -47.23
N HIS B 259 -6.49 -2.74 -46.90
CA HIS B 259 -5.87 -1.75 -47.78
C HIS B 259 -5.26 -2.50 -48.98
N PRO B 260 -5.52 -2.04 -50.23
CA PRO B 260 -5.01 -2.74 -51.42
C PRO B 260 -3.49 -2.98 -51.44
N ASP B 261 -2.73 -1.94 -51.10
CA ASP B 261 -1.26 -2.00 -51.02
C ASP B 261 -0.71 -2.54 -49.69
N GLY B 262 -1.57 -2.88 -48.73
CA GLY B 262 -1.15 -3.21 -47.37
C GLY B 262 -0.97 -4.68 -47.02
N GLY B 263 -0.86 -5.55 -48.04
CA GLY B 263 -0.68 -7.00 -47.83
C GLY B 263 0.49 -7.59 -48.58
N HIS B 264 1.58 -6.84 -48.69
CA HIS B 264 2.79 -7.29 -49.39
C HIS B 264 3.67 -8.12 -48.46
N ARG B 265 4.09 -9.31 -48.91
CA ARG B 265 4.93 -10.20 -48.11
C ARG B 265 5.69 -11.22 -48.97
N ASP B 266 6.61 -11.94 -48.34
CA ASP B 266 7.42 -12.96 -49.03
C ASP B 266 6.58 -14.16 -49.43
N GLN B 267 7.03 -14.86 -50.48
CA GLN B 267 6.29 -15.99 -51.06
C GLN B 267 6.43 -17.23 -50.18
#